data_1EWS
#
_entry.id   1EWS
#
_cell.length_a   1.000
_cell.length_b   1.000
_cell.length_c   1.000
_cell.angle_alpha   90.00
_cell.angle_beta   90.00
_cell.angle_gamma   90.00
#
_symmetry.space_group_name_H-M   'P 1'
#
_entity_poly.entity_id   1
_entity_poly.type   'polypeptide(L)'
_entity_poly.pdbx_seq_one_letter_code
;MPCSCKKYCDPWEVIDGSCGLFNSKYICCREK
;
_entity_poly.pdbx_strand_id   A
#
# COMPACT_ATOMS: atom_id res chain seq x y z
N MET A 1 -9.54 6.90 3.84
CA MET A 1 -8.06 6.88 3.89
C MET A 1 -7.54 7.32 2.49
N PRO A 2 -6.66 8.31 2.43
CA PRO A 2 -6.04 8.73 1.14
C PRO A 2 -5.21 7.58 0.57
N CYS A 3 -4.55 6.88 1.46
CA CYS A 3 -3.69 5.72 1.09
C CYS A 3 -4.57 4.46 1.11
N SER A 4 -3.96 3.29 1.03
CA SER A 4 -4.75 2.01 1.04
C SER A 4 -3.86 0.78 1.27
N CYS A 5 -4.32 -0.11 2.12
CA CYS A 5 -3.56 -1.35 2.44
C CYS A 5 -3.92 -2.49 1.47
N LYS A 6 -2.94 -2.96 0.76
CA LYS A 6 -3.11 -4.08 -0.23
C LYS A 6 -1.82 -4.92 -0.28
N LYS A 7 -1.95 -6.15 -0.71
CA LYS A 7 -0.76 -7.06 -0.81
C LYS A 7 0.15 -6.50 -1.91
N TYR A 8 -0.51 -5.98 -2.92
CA TYR A 8 0.18 -5.36 -4.10
C TYR A 8 -0.59 -4.07 -4.44
N CYS A 9 0.07 -3.18 -5.13
CA CYS A 9 -0.58 -1.89 -5.51
C CYS A 9 -1.34 -1.96 -6.84
N ASP A 10 -1.92 -0.82 -7.15
CA ASP A 10 -2.71 -0.65 -8.40
C ASP A 10 -1.73 -0.17 -9.48
N PRO A 11 -2.08 -0.31 -10.74
CA PRO A 11 -1.28 0.26 -11.87
C PRO A 11 -1.01 1.76 -11.69
N TRP A 12 -1.89 2.41 -10.98
CA TRP A 12 -1.76 3.89 -10.71
C TRP A 12 -1.28 4.21 -9.29
N GLU A 13 -1.19 3.20 -8.46
CA GLU A 13 -0.74 3.39 -7.05
C GLU A 13 0.63 2.74 -6.81
N VAL A 14 1.34 3.21 -5.80
CA VAL A 14 2.70 2.65 -5.45
C VAL A 14 2.85 2.46 -3.94
N ILE A 15 3.64 1.48 -3.57
CA ILE A 15 3.90 1.17 -2.13
C ILE A 15 4.39 2.38 -1.33
N ASP A 16 4.16 2.32 -0.04
CA ASP A 16 4.57 3.43 0.88
C ASP A 16 4.90 2.90 2.29
N GLY A 17 4.45 1.71 2.59
CA GLY A 17 4.73 1.12 3.95
C GLY A 17 4.38 -0.37 4.01
N SER A 18 4.12 -0.83 5.21
CA SER A 18 3.75 -2.27 5.45
C SER A 18 2.62 -2.40 6.47
N CYS A 19 1.47 -2.78 5.97
CA CYS A 19 0.26 -2.96 6.83
C CYS A 19 0.04 -4.44 7.21
N GLY A 20 -1.03 -4.67 7.92
CA GLY A 20 -1.37 -6.06 8.37
C GLY A 20 -0.84 -6.29 9.79
N LEU A 21 -0.69 -7.55 10.12
CA LEU A 21 -0.18 -7.93 11.47
C LEU A 21 1.35 -8.05 11.44
N PHE A 22 1.84 -9.05 10.74
CA PHE A 22 3.31 -9.27 10.63
C PHE A 22 3.84 -8.51 9.38
N ASN A 23 3.26 -7.35 9.15
CA ASN A 23 3.64 -6.49 7.98
C ASN A 23 3.50 -7.23 6.64
N SER A 24 2.72 -8.28 6.67
CA SER A 24 2.47 -9.12 5.46
C SER A 24 1.86 -8.29 4.32
N LYS A 25 0.99 -7.39 4.69
CA LYS A 25 0.32 -6.50 3.68
C LYS A 25 1.19 -5.24 3.50
N TYR A 26 0.87 -4.48 2.49
CA TYR A 26 1.63 -3.22 2.20
C TYR A 26 0.76 -1.98 2.21
N ILE A 27 1.30 -0.91 2.74
CA ILE A 27 0.55 0.39 2.81
C ILE A 27 0.88 1.07 1.49
N CYS A 28 0.02 0.84 0.55
CA CYS A 28 0.20 1.44 -0.79
C CYS A 28 -0.58 2.76 -0.92
N CYS A 29 0.14 3.81 -1.20
CA CYS A 29 -0.49 5.17 -1.35
C CYS A 29 -0.42 5.65 -2.81
N ARG A 30 -1.37 6.49 -3.15
CA ARG A 30 -1.47 7.07 -4.53
C ARG A 30 -0.18 7.71 -5.05
N GLU A 31 -0.02 7.66 -6.34
CA GLU A 31 1.18 8.24 -7.02
C GLU A 31 0.90 9.73 -7.32
N LYS A 32 1.16 10.54 -6.33
CA LYS A 32 0.93 12.02 -6.46
C LYS A 32 2.23 12.80 -6.16
N MET A 1 -0.04 9.43 6.37
CA MET A 1 -0.14 8.77 5.03
C MET A 1 -1.58 8.28 4.82
N PRO A 2 -2.46 9.17 4.38
CA PRO A 2 -3.83 8.79 3.94
C PRO A 2 -3.69 7.92 2.67
N CYS A 3 -3.72 6.63 2.89
CA CYS A 3 -3.58 5.65 1.77
C CYS A 3 -4.50 4.44 2.03
N SER A 4 -4.05 3.26 1.65
CA SER A 4 -4.85 2.02 1.85
C SER A 4 -3.93 0.80 1.99
N CYS A 5 -4.31 -0.08 2.88
CA CYS A 5 -3.52 -1.31 3.12
C CYS A 5 -3.81 -2.34 2.02
N LYS A 6 -3.07 -2.15 0.96
CA LYS A 6 -3.16 -3.01 -0.25
C LYS A 6 -2.11 -4.13 -0.14
N LYS A 7 -2.59 -5.36 -0.14
CA LYS A 7 -1.66 -6.54 -0.04
C LYS A 7 -0.64 -6.48 -1.19
N TYR A 8 -1.07 -5.82 -2.23
CA TYR A 8 -0.26 -5.62 -3.46
C TYR A 8 -0.40 -4.12 -3.83
N CYS A 9 -0.36 -3.84 -5.10
CA CYS A 9 -0.50 -2.42 -5.59
C CYS A 9 -1.13 -2.37 -6.97
N ASP A 10 -1.75 -1.26 -7.26
CA ASP A 10 -2.41 -1.06 -8.58
C ASP A 10 -1.36 -0.46 -9.55
N PRO A 11 -1.60 -0.50 -10.84
CA PRO A 11 -0.70 0.12 -11.86
C PRO A 11 -0.47 1.62 -11.58
N TRP A 12 -1.52 2.26 -11.12
CA TRP A 12 -1.46 3.73 -10.81
C TRP A 12 -1.03 3.96 -9.35
N GLU A 13 -0.83 2.88 -8.65
CA GLU A 13 -0.42 2.92 -7.21
C GLU A 13 1.03 2.43 -7.03
N VAL A 14 1.58 2.79 -5.89
CA VAL A 14 2.99 2.41 -5.53
C VAL A 14 3.07 2.31 -3.99
N ILE A 15 3.88 1.38 -3.52
CA ILE A 15 4.06 1.19 -2.05
C ILE A 15 4.41 2.50 -1.32
N ASP A 16 4.02 2.55 -0.07
CA ASP A 16 4.28 3.75 0.78
C ASP A 16 4.49 3.33 2.25
N GLY A 17 4.12 2.12 2.57
CA GLY A 17 4.28 1.62 3.97
C GLY A 17 4.01 0.11 4.08
N SER A 18 3.86 -0.34 5.31
CA SER A 18 3.58 -1.78 5.60
C SER A 18 2.30 -1.90 6.44
N CYS A 19 1.62 -3.02 6.29
CA CYS A 19 0.36 -3.27 7.05
C CYS A 19 0.06 -4.77 7.15
N GLY A 20 -1.16 -5.08 7.53
CA GLY A 20 -1.61 -6.50 7.68
C GLY A 20 -1.16 -6.97 9.06
N LEU A 21 -0.62 -8.17 9.12
CA LEU A 21 -0.14 -8.74 10.42
C LEU A 21 1.34 -8.32 10.58
N PHE A 22 2.27 -9.20 10.29
CA PHE A 22 3.72 -8.86 10.43
C PHE A 22 4.20 -8.26 9.10
N ASN A 23 3.69 -7.07 8.82
CA ASN A 23 4.03 -6.32 7.56
C ASN A 23 3.70 -7.13 6.29
N SER A 24 2.85 -8.11 6.44
CA SER A 24 2.43 -8.97 5.30
C SER A 24 1.89 -8.13 4.14
N LYS A 25 0.94 -7.28 4.47
CA LYS A 25 0.31 -6.40 3.44
C LYS A 25 1.14 -5.10 3.38
N TYR A 26 0.75 -4.21 2.50
CA TYR A 26 1.49 -2.92 2.35
C TYR A 26 0.55 -1.73 2.22
N ILE A 27 1.00 -0.61 2.72
CA ILE A 27 0.19 0.65 2.67
C ILE A 27 0.62 1.21 1.32
N CYS A 28 -0.10 0.82 0.29
CA CYS A 28 0.25 1.32 -1.07
C CYS A 28 -0.62 2.54 -1.37
N CYS A 29 0.04 3.63 -1.60
CA CYS A 29 -0.64 4.93 -1.91
C CYS A 29 -0.53 5.21 -3.41
N ARG A 30 -1.42 6.02 -3.91
CA ARG A 30 -1.41 6.38 -5.38
C ARG A 30 0.00 6.87 -5.77
N GLU A 31 0.63 7.52 -4.82
CA GLU A 31 2.00 8.06 -5.00
C GLU A 31 2.74 7.93 -3.67
N LYS A 32 2.13 8.47 -2.64
CA LYS A 32 2.71 8.43 -1.25
C LYS A 32 1.66 8.92 -0.21
N MET A 1 -5.18 9.39 5.00
CA MET A 1 -6.56 8.98 4.59
C MET A 1 -6.66 8.57 3.10
N PRO A 2 -6.04 9.29 2.19
CA PRO A 2 -6.16 9.00 0.72
C PRO A 2 -5.45 7.69 0.33
N CYS A 3 -4.70 7.15 1.25
CA CYS A 3 -3.95 5.88 1.00
C CYS A 3 -4.82 4.68 1.38
N SER A 4 -4.25 3.50 1.29
CA SER A 4 -5.00 2.25 1.65
C SER A 4 -4.09 1.04 1.88
N CYS A 5 -4.41 0.27 2.89
CA CYS A 5 -3.60 -0.95 3.22
C CYS A 5 -4.00 -2.08 2.27
N LYS A 6 -3.32 -2.11 1.16
CA LYS A 6 -3.56 -3.14 0.11
C LYS A 6 -2.46 -4.21 0.22
N LYS A 7 -2.84 -5.46 0.04
CA LYS A 7 -1.85 -6.57 0.13
C LYS A 7 -0.66 -6.35 -0.82
N TYR A 8 -0.93 -5.59 -1.86
CA TYR A 8 0.10 -5.26 -2.89
C TYR A 8 -0.26 -3.83 -3.38
N CYS A 9 -0.28 -3.62 -4.68
CA CYS A 9 -0.62 -2.27 -5.24
C CYS A 9 -1.29 -2.35 -6.61
N ASP A 10 -1.66 -1.20 -7.09
CA ASP A 10 -2.31 -1.06 -8.43
C ASP A 10 -1.20 -0.78 -9.46
N PRO A 11 -1.48 -0.94 -10.74
CA PRO A 11 -0.63 -0.38 -11.83
C PRO A 11 -0.40 1.13 -11.65
N TRP A 12 -1.43 1.81 -11.18
CA TRP A 12 -1.37 3.28 -10.95
C TRP A 12 -1.07 3.62 -9.48
N GLU A 13 -0.46 2.70 -8.78
CA GLU A 13 -0.15 2.93 -7.33
C GLU A 13 1.19 2.26 -6.93
N VAL A 14 1.84 2.83 -5.94
CA VAL A 14 3.15 2.29 -5.44
C VAL A 14 3.12 2.28 -3.91
N ILE A 15 3.84 1.33 -3.33
CA ILE A 15 3.92 1.18 -1.85
C ILE A 15 4.46 2.43 -1.14
N ASP A 16 4.16 2.52 0.13
CA ASP A 16 4.62 3.66 0.98
C ASP A 16 4.82 3.22 2.44
N GLY A 17 4.20 2.13 2.81
CA GLY A 17 4.35 1.61 4.21
C GLY A 17 4.00 0.12 4.30
N SER A 18 3.87 -0.34 5.52
CA SER A 18 3.53 -1.77 5.80
C SER A 18 2.32 -1.86 6.73
N CYS A 19 1.50 -2.84 6.48
CA CYS A 19 0.27 -3.07 7.30
C CYS A 19 -0.06 -4.57 7.40
N GLY A 20 -1.20 -4.86 7.96
CA GLY A 20 -1.66 -6.28 8.13
C GLY A 20 -0.93 -6.94 9.31
N LEU A 21 -0.48 -8.15 9.08
CA LEU A 21 0.24 -8.93 10.13
C LEU A 21 1.74 -8.63 10.03
N PHE A 22 2.53 -9.61 9.66
CA PHE A 22 4.01 -9.42 9.54
C PHE A 22 4.33 -8.75 8.19
N ASN A 23 4.00 -7.48 8.13
CA ASN A 23 4.21 -6.61 6.92
C ASN A 23 3.82 -7.31 5.60
N SER A 24 3.00 -8.32 5.73
CA SER A 24 2.52 -9.11 4.56
C SER A 24 1.76 -8.16 3.63
N LYS A 25 0.96 -7.32 4.25
CA LYS A 25 0.15 -6.32 3.50
C LYS A 25 0.97 -5.03 3.50
N TYR A 26 0.62 -4.12 2.62
CA TYR A 26 1.36 -2.82 2.55
C TYR A 26 0.44 -1.61 2.42
N ILE A 27 0.92 -0.51 2.93
CA ILE A 27 0.15 0.77 2.89
C ILE A 27 0.58 1.39 1.57
N CYS A 28 -0.17 1.04 0.57
CA CYS A 28 0.10 1.56 -0.79
C CYS A 28 -0.76 2.79 -1.09
N CYS A 29 -0.10 3.79 -1.59
CA CYS A 29 -0.77 5.09 -1.95
C CYS A 29 -0.44 5.39 -3.42
N ARG A 30 -1.34 6.09 -4.06
CA ARG A 30 -1.14 6.45 -5.49
C ARG A 30 0.03 7.45 -5.60
N GLU A 31 1.13 6.93 -6.09
CA GLU A 31 2.37 7.75 -6.26
C GLU A 31 2.11 8.99 -7.12
N LYS A 32 2.18 10.13 -6.47
CA LYS A 32 1.95 11.43 -7.17
C LYS A 32 3.10 11.74 -8.14
N MET A 1 -8.86 9.22 0.05
CA MET A 1 -7.86 8.27 0.62
C MET A 1 -7.08 7.57 -0.51
N PRO A 2 -6.06 8.23 -1.04
CA PRO A 2 -5.09 7.58 -1.96
C PRO A 2 -4.34 6.47 -1.23
N CYS A 3 -4.17 6.67 0.05
CA CYS A 3 -3.46 5.68 0.92
C CYS A 3 -4.42 4.65 1.50
N SER A 4 -3.98 3.40 1.47
CA SER A 4 -4.79 2.27 1.99
C SER A 4 -3.92 1.01 2.10
N CYS A 5 -4.28 0.15 3.03
CA CYS A 5 -3.51 -1.12 3.23
C CYS A 5 -3.88 -2.15 2.17
N LYS A 6 -3.18 -2.04 1.06
CA LYS A 6 -3.41 -2.98 -0.08
C LYS A 6 -2.30 -4.04 -0.02
N LYS A 7 -2.70 -5.29 0.03
CA LYS A 7 -1.71 -6.42 0.09
C LYS A 7 -0.69 -6.27 -1.04
N TYR A 8 -1.17 -5.78 -2.15
CA TYR A 8 -0.35 -5.55 -3.38
C TYR A 8 -0.80 -4.20 -3.95
N CYS A 9 0.05 -3.55 -4.71
CA CYS A 9 -0.34 -2.23 -5.30
C CYS A 9 -1.01 -2.35 -6.66
N ASP A 10 -1.54 -1.22 -7.07
CA ASP A 10 -2.25 -1.11 -8.37
C ASP A 10 -1.23 -0.74 -9.46
N PRO A 11 -1.59 -0.94 -10.71
CA PRO A 11 -0.87 -0.32 -11.86
C PRO A 11 -0.79 1.21 -11.74
N TRP A 12 -1.66 1.76 -10.91
CA TRP A 12 -1.71 3.25 -10.69
C TRP A 12 -1.36 3.62 -9.24
N GLU A 13 -0.71 2.72 -8.53
CA GLU A 13 -0.34 3.02 -7.11
C GLU A 13 1.03 2.42 -6.77
N VAL A 14 1.67 2.98 -5.78
CA VAL A 14 3.03 2.51 -5.34
C VAL A 14 3.06 2.32 -3.82
N ILE A 15 3.91 1.44 -3.35
CA ILE A 15 4.01 1.17 -1.90
C ILE A 15 4.53 2.41 -1.16
N ASP A 16 4.11 2.54 0.08
CA ASP A 16 4.52 3.69 0.94
C ASP A 16 4.63 3.28 2.41
N GLY A 17 4.09 2.14 2.75
CA GLY A 17 4.15 1.66 4.16
C GLY A 17 3.93 0.15 4.27
N SER A 18 3.81 -0.30 5.50
CA SER A 18 3.59 -1.76 5.81
C SER A 18 2.30 -1.91 6.62
N CYS A 19 1.62 -3.01 6.44
CA CYS A 19 0.35 -3.27 7.18
C CYS A 19 0.00 -4.77 7.21
N GLY A 20 -1.19 -5.06 7.66
CA GLY A 20 -1.68 -6.47 7.75
C GLY A 20 -1.13 -7.09 9.04
N LEU A 21 -0.59 -8.27 8.91
CA LEU A 21 -0.02 -8.99 10.08
C LEU A 21 1.46 -8.57 10.18
N PHE A 22 2.38 -9.48 9.95
CA PHE A 22 3.84 -9.14 10.03
C PHE A 22 4.21 -8.54 8.65
N ASN A 23 3.86 -7.28 8.51
CA ASN A 23 4.11 -6.48 7.27
C ASN A 23 3.83 -7.25 5.96
N SER A 24 2.91 -8.18 6.06
CA SER A 24 2.52 -9.01 4.87
C SER A 24 1.93 -8.09 3.81
N LYS A 25 1.00 -7.28 4.27
CA LYS A 25 0.32 -6.32 3.35
C LYS A 25 1.13 -5.02 3.38
N TYR A 26 0.79 -4.10 2.50
CA TYR A 26 1.52 -2.80 2.45
C TYR A 26 0.56 -1.63 2.31
N ILE A 27 0.97 -0.52 2.87
CA ILE A 27 0.12 0.71 2.81
C ILE A 27 0.57 1.37 1.51
N CYS A 28 -0.12 0.97 0.48
CA CYS A 28 0.18 1.50 -0.86
C CYS A 28 -0.67 2.75 -1.09
N CYS A 29 0.00 3.80 -1.46
CA CYS A 29 -0.69 5.10 -1.71
C CYS A 29 -0.31 5.60 -3.11
N ARG A 30 -1.15 6.45 -3.66
CA ARG A 30 -0.89 7.01 -5.03
C ARG A 30 0.22 8.06 -4.92
N GLU A 31 1.44 7.60 -4.89
CA GLU A 31 2.62 8.52 -4.78
C GLU A 31 3.57 8.31 -5.96
N LYS A 32 4.67 9.00 -5.91
CA LYS A 32 5.70 8.91 -6.99
C LYS A 32 6.29 7.48 -6.95
N MET A 1 -3.21 12.76 0.62
CA MET A 1 -3.04 11.65 -0.35
C MET A 1 -3.44 10.33 0.35
N PRO A 2 -4.72 10.00 0.34
CA PRO A 2 -5.24 8.74 0.95
C PRO A 2 -4.57 7.51 0.33
N CYS A 3 -3.97 6.71 1.18
CA CYS A 3 -3.28 5.46 0.74
C CYS A 3 -4.27 4.30 0.76
N SER A 4 -3.77 3.08 0.78
CA SER A 4 -4.66 1.88 0.79
C SER A 4 -3.89 0.61 1.18
N CYS A 5 -4.34 -0.02 2.25
CA CYS A 5 -3.67 -1.27 2.72
C CYS A 5 -4.06 -2.45 1.83
N LYS A 6 -3.21 -2.71 0.87
CA LYS A 6 -3.41 -3.82 -0.10
C LYS A 6 -2.14 -4.68 -0.14
N LYS A 7 -2.32 -5.94 -0.46
CA LYS A 7 -1.17 -6.89 -0.52
C LYS A 7 -0.06 -6.28 -1.39
N TYR A 8 -0.46 -5.80 -2.54
CA TYR A 8 0.49 -5.17 -3.50
C TYR A 8 0.01 -3.71 -3.76
N CYS A 9 -0.24 -3.38 -5.00
CA CYS A 9 -0.70 -2.00 -5.38
C CYS A 9 -1.57 -2.02 -6.64
N ASP A 10 -1.94 -0.83 -7.04
CA ASP A 10 -2.78 -0.62 -8.26
C ASP A 10 -1.82 -0.40 -9.45
N PRO A 11 -2.31 -0.52 -10.66
CA PRO A 11 -1.57 -0.06 -11.87
C PRO A 11 -1.27 1.46 -11.83
N TRP A 12 -1.80 2.13 -10.83
CA TRP A 12 -1.59 3.61 -10.66
C TRP A 12 -1.15 3.98 -9.23
N GLU A 13 -0.69 3.00 -8.49
CA GLU A 13 -0.24 3.26 -7.08
C GLU A 13 1.06 2.51 -6.78
N VAL A 14 1.80 2.99 -5.81
CA VAL A 14 3.10 2.35 -5.39
C VAL A 14 3.17 2.19 -3.87
N ILE A 15 3.82 1.14 -3.43
CA ILE A 15 3.96 0.86 -1.96
C ILE A 15 4.59 2.04 -1.20
N ASP A 16 4.19 2.15 0.04
CA ASP A 16 4.71 3.24 0.93
C ASP A 16 4.86 2.65 2.34
N GLY A 17 3.79 2.65 3.12
CA GLY A 17 3.85 2.10 4.50
C GLY A 17 3.64 0.59 4.47
N SER A 18 3.38 0.03 5.63
CA SER A 18 3.17 -1.45 5.75
C SER A 18 2.04 -1.75 6.74
N CYS A 19 1.11 -2.56 6.30
CA CYS A 19 -0.05 -2.96 7.16
C CYS A 19 -0.04 -4.48 7.38
N GLY A 20 -1.10 -4.98 7.97
CA GLY A 20 -1.20 -6.45 8.25
C GLY A 20 -0.48 -6.75 9.57
N LEU A 21 -0.23 -8.01 9.82
CA LEU A 21 0.47 -8.40 11.08
C LEU A 21 1.99 -8.41 10.86
N PHE A 22 2.50 -9.42 10.20
CA PHE A 22 3.98 -9.49 9.95
C PHE A 22 4.24 -8.78 8.60
N ASN A 23 3.83 -7.53 8.56
CA ASN A 23 3.97 -6.65 7.36
C ASN A 23 3.53 -7.38 6.07
N SER A 24 2.65 -8.33 6.27
CA SER A 24 2.10 -9.16 5.16
C SER A 24 1.50 -8.26 4.07
N LYS A 25 0.68 -7.35 4.53
CA LYS A 25 0.02 -6.38 3.62
C LYS A 25 0.86 -5.10 3.57
N TYR A 26 0.57 -4.26 2.62
CA TYR A 26 1.33 -2.97 2.48
C TYR A 26 0.42 -1.77 2.25
N ILE A 27 0.80 -0.68 2.85
CA ILE A 27 0.01 0.58 2.73
C ILE A 27 0.59 1.26 1.49
N CYS A 28 -0.09 1.02 0.41
CA CYS A 28 0.32 1.59 -0.90
C CYS A 28 -0.36 2.95 -1.11
N CYS A 29 0.47 3.93 -1.43
CA CYS A 29 0.00 5.33 -1.68
C CYS A 29 0.29 5.70 -3.14
N ARG A 30 -0.52 6.57 -3.69
CA ARG A 30 -0.32 7.01 -5.11
C ARG A 30 1.02 7.72 -5.30
N GLU A 31 1.64 7.45 -6.42
CA GLU A 31 2.96 8.07 -6.75
C GLU A 31 2.73 9.51 -7.24
N LYS A 32 2.64 10.41 -6.30
CA LYS A 32 2.42 11.86 -6.63
C LYS A 32 3.73 12.52 -7.09
N MET A 1 -9.09 6.95 2.38
CA MET A 1 -9.15 7.74 1.11
C MET A 1 -7.77 8.23 0.61
N PRO A 2 -6.89 8.69 1.48
CA PRO A 2 -5.55 9.21 1.07
C PRO A 2 -4.66 8.05 0.59
N CYS A 3 -4.78 6.95 1.30
CA CYS A 3 -3.98 5.72 0.97
C CYS A 3 -4.82 4.48 1.33
N SER A 4 -4.32 3.32 0.98
CA SER A 4 -5.06 2.05 1.27
C SER A 4 -4.11 0.86 1.49
N CYS A 5 -4.53 0.01 2.41
CA CYS A 5 -3.73 -1.21 2.76
C CYS A 5 -4.13 -2.41 1.89
N LYS A 6 -3.21 -2.79 1.04
CA LYS A 6 -3.38 -3.95 0.11
C LYS A 6 -2.07 -4.74 0.04
N LYS A 7 -2.20 -6.04 -0.05
CA LYS A 7 -1.01 -6.94 -0.12
C LYS A 7 -0.21 -6.66 -1.42
N TYR A 8 -0.85 -5.96 -2.31
CA TYR A 8 -0.25 -5.59 -3.63
C TYR A 8 -0.85 -4.25 -4.08
N CYS A 9 -0.11 -3.52 -4.86
CA CYS A 9 -0.62 -2.20 -5.36
C CYS A 9 -1.39 -2.31 -6.68
N ASP A 10 -1.82 -1.16 -7.12
CA ASP A 10 -2.58 -1.00 -8.39
C ASP A 10 -1.62 -0.32 -9.40
N PRO A 11 -1.94 -0.38 -10.68
CA PRO A 11 -1.07 0.24 -11.74
C PRO A 11 -0.90 1.77 -11.56
N TRP A 12 -1.76 2.37 -10.77
CA TRP A 12 -1.69 3.84 -10.52
C TRP A 12 -1.05 4.20 -9.17
N GLU A 13 -0.42 3.26 -8.53
CA GLU A 13 0.23 3.54 -7.20
C GLU A 13 1.47 2.68 -6.92
N VAL A 14 2.12 3.00 -5.83
CA VAL A 14 3.34 2.27 -5.39
C VAL A 14 3.36 2.16 -3.85
N ILE A 15 4.01 1.14 -3.35
CA ILE A 15 4.10 0.91 -1.88
C ILE A 15 4.62 2.16 -1.16
N ASP A 16 4.06 2.39 0.00
CA ASP A 16 4.44 3.57 0.84
C ASP A 16 4.66 3.16 2.30
N GLY A 17 4.19 1.98 2.65
CA GLY A 17 4.36 1.48 4.05
C GLY A 17 4.00 0.00 4.16
N SER A 18 3.80 -0.43 5.38
CA SER A 18 3.45 -1.86 5.67
C SER A 18 2.24 -1.94 6.62
N CYS A 19 1.33 -2.82 6.29
CA CYS A 19 0.10 -3.03 7.12
C CYS A 19 -0.16 -4.53 7.36
N GLY A 20 -1.28 -4.82 7.98
CA GLY A 20 -1.66 -6.23 8.28
C GLY A 20 -0.90 -6.70 9.53
N LEU A 21 -0.41 -7.90 9.47
CA LEU A 21 0.35 -8.48 10.62
C LEU A 21 1.83 -8.13 10.43
N PHE A 22 2.70 -9.10 10.30
CA PHE A 22 4.16 -8.82 10.10
C PHE A 22 4.37 -8.43 8.63
N ASN A 23 4.13 -7.16 8.39
CA ASN A 23 4.27 -6.53 7.04
C ASN A 23 3.70 -7.39 5.88
N SER A 24 2.76 -8.23 6.21
CA SER A 24 2.13 -9.12 5.18
C SER A 24 1.48 -8.23 4.12
N LYS A 25 0.65 -7.34 4.59
CA LYS A 25 -0.06 -6.40 3.68
C LYS A 25 0.82 -5.15 3.55
N TYR A 26 0.48 -4.28 2.63
CA TYR A 26 1.30 -3.03 2.44
C TYR A 26 0.44 -1.78 2.29
N ILE A 27 0.93 -0.70 2.85
CA ILE A 27 0.19 0.60 2.79
C ILE A 27 0.69 1.24 1.50
N CYS A 28 -0.04 0.94 0.46
CA CYS A 28 0.32 1.49 -0.88
C CYS A 28 -0.47 2.76 -1.17
N CYS A 29 0.25 3.79 -1.53
CA CYS A 29 -0.38 5.11 -1.85
C CYS A 29 0.03 5.54 -3.26
N ARG A 30 -0.85 6.30 -3.88
CA ARG A 30 -0.57 6.80 -5.27
C ARG A 30 0.41 7.99 -5.23
N GLU A 31 0.95 8.32 -6.37
CA GLU A 31 1.92 9.45 -6.46
C GLU A 31 1.19 10.79 -6.31
N LYS A 32 1.93 11.86 -6.40
CA LYS A 32 1.35 13.23 -6.27
C LYS A 32 1.52 13.96 -7.62
N MET A 1 -8.42 8.69 5.92
CA MET A 1 -7.83 7.62 5.07
C MET A 1 -7.11 8.31 3.87
N PRO A 2 -5.87 8.69 4.08
CA PRO A 2 -5.02 9.28 2.99
C PRO A 2 -4.63 8.18 2.00
N CYS A 3 -4.06 7.13 2.55
CA CYS A 3 -3.61 5.96 1.73
C CYS A 3 -4.50 4.75 2.07
N SER A 4 -4.03 3.57 1.77
CA SER A 4 -4.83 2.33 2.05
C SER A 4 -3.95 1.08 2.15
N CYS A 5 -4.28 0.24 3.12
CA CYS A 5 -3.51 -1.03 3.34
C CYS A 5 -3.91 -2.07 2.29
N LYS A 6 -3.28 -1.95 1.16
CA LYS A 6 -3.51 -2.88 0.01
C LYS A 6 -2.47 -4.00 0.06
N LYS A 7 -2.95 -5.22 0.06
CA LYS A 7 -2.04 -6.42 0.12
C LYS A 7 -0.97 -6.34 -0.99
N TYR A 8 -1.37 -5.70 -2.06
CA TYR A 8 -0.49 -5.49 -3.25
C TYR A 8 -0.92 -4.17 -3.92
N CYS A 9 -0.03 -3.59 -4.68
CA CYS A 9 -0.31 -2.31 -5.37
C CYS A 9 -0.95 -2.53 -6.76
N ASP A 10 -0.94 -1.49 -7.54
CA ASP A 10 -1.51 -1.52 -8.93
C ASP A 10 -0.50 -0.86 -9.89
N PRO A 11 -0.72 -0.98 -11.18
CA PRO A 11 -0.11 -0.08 -12.19
C PRO A 11 -0.35 1.41 -11.83
N TRP A 12 -1.49 1.66 -11.24
CA TRP A 12 -1.85 3.06 -10.84
C TRP A 12 -1.64 3.31 -9.33
N GLU A 13 -0.79 2.51 -8.72
CA GLU A 13 -0.52 2.68 -7.25
C GLU A 13 0.93 2.25 -6.94
N VAL A 14 1.43 2.68 -5.81
CA VAL A 14 2.83 2.34 -5.40
C VAL A 14 2.94 2.28 -3.87
N ILE A 15 3.77 1.38 -3.38
CA ILE A 15 3.97 1.22 -1.91
C ILE A 15 4.34 2.54 -1.23
N ASP A 16 3.95 2.64 0.02
CA ASP A 16 4.22 3.85 0.83
C ASP A 16 4.39 3.49 2.31
N GLY A 17 3.98 2.29 2.66
CA GLY A 17 4.08 1.83 4.08
C GLY A 17 3.86 0.31 4.20
N SER A 18 3.77 -0.13 5.43
CA SER A 18 3.55 -1.57 5.75
C SER A 18 2.27 -1.70 6.60
N CYS A 19 1.64 -2.84 6.51
CA CYS A 19 0.39 -3.09 7.29
C CYS A 19 0.07 -4.60 7.36
N GLY A 20 -1.09 -4.89 7.90
CA GLY A 20 -1.56 -6.30 8.04
C GLY A 20 -0.95 -6.97 9.28
N LEU A 21 -0.50 -8.18 9.07
CA LEU A 21 0.13 -9.00 10.15
C LEU A 21 1.64 -8.74 10.20
N PHE A 22 2.43 -9.64 9.68
CA PHE A 22 3.92 -9.49 9.68
C PHE A 22 4.35 -8.69 8.44
N ASN A 23 3.80 -7.49 8.35
CA ASN A 23 4.10 -6.57 7.20
C ASN A 23 3.74 -7.21 5.85
N SER A 24 3.02 -8.31 5.92
CA SER A 24 2.60 -9.07 4.71
C SER A 24 1.82 -8.13 3.76
N LYS A 25 1.01 -7.30 4.34
CA LYS A 25 0.19 -6.34 3.55
C LYS A 25 0.99 -5.03 3.51
N TYR A 26 0.66 -4.17 2.58
CA TYR A 26 1.40 -2.86 2.47
C TYR A 26 0.44 -1.68 2.27
N ILE A 27 0.88 -0.54 2.75
CA ILE A 27 0.04 0.69 2.61
C ILE A 27 0.48 1.27 1.28
N CYS A 28 -0.26 0.89 0.27
CA CYS A 28 0.06 1.39 -1.09
C CYS A 28 -0.69 2.70 -1.33
N CYS A 29 0.07 3.76 -1.42
CA CYS A 29 -0.51 5.12 -1.66
C CYS A 29 -0.19 5.54 -3.10
N ARG A 30 -0.93 6.49 -3.59
CA ARG A 30 -0.70 6.96 -4.98
C ARG A 30 0.17 8.24 -4.90
N GLU A 31 1.46 8.00 -4.78
CA GLU A 31 2.44 9.13 -4.68
C GLU A 31 3.75 8.74 -5.39
N LYS A 32 4.11 9.55 -6.34
CA LYS A 32 5.37 9.31 -7.14
C LYS A 32 6.19 10.61 -7.23
N MET A 1 -5.30 12.81 -0.93
CA MET A 1 -5.24 11.49 -1.62
C MET A 1 -4.72 10.44 -0.61
N PRO A 2 -5.59 9.97 0.25
CA PRO A 2 -5.20 9.06 1.38
C PRO A 2 -4.64 7.71 0.87
N CYS A 3 -4.04 7.00 1.79
CA CYS A 3 -3.43 5.67 1.48
C CYS A 3 -4.45 4.54 1.67
N SER A 4 -4.00 3.33 1.46
CA SER A 4 -4.88 2.13 1.61
C SER A 4 -4.03 0.88 1.86
N CYS A 5 -4.35 0.14 2.89
CA CYS A 5 -3.58 -1.09 3.21
C CYS A 5 -3.92 -2.22 2.21
N LYS A 6 -3.16 -2.24 1.16
CA LYS A 6 -3.32 -3.25 0.07
C LYS A 6 -2.07 -4.15 0.02
N LYS A 7 -2.28 -5.43 -0.01
CA LYS A 7 -1.13 -6.39 -0.07
C LYS A 7 -0.30 -6.20 -1.35
N TYR A 8 -0.93 -5.55 -2.30
CA TYR A 8 -0.28 -5.26 -3.61
C TYR A 8 -0.96 -4.02 -4.19
N CYS A 9 -0.18 -3.21 -4.86
CA CYS A 9 -0.71 -1.96 -5.46
C CYS A 9 -1.23 -2.19 -6.88
N ASP A 10 -1.74 -1.13 -7.42
CA ASP A 10 -2.29 -1.13 -8.81
C ASP A 10 -1.12 -0.77 -9.75
N PRO A 11 -1.26 -1.06 -11.04
CA PRO A 11 -0.35 -0.52 -12.08
C PRO A 11 -0.27 1.02 -12.04
N TRP A 12 -1.26 1.63 -11.43
CA TRP A 12 -1.32 3.13 -11.32
C TRP A 12 -1.17 3.63 -9.87
N GLU A 13 -0.76 2.76 -8.97
CA GLU A 13 -0.59 3.11 -7.52
C GLU A 13 0.82 2.61 -7.05
N VAL A 14 1.28 3.03 -5.88
CA VAL A 14 2.63 2.59 -5.37
C VAL A 14 2.64 2.34 -3.85
N ILE A 15 3.49 1.44 -3.43
CA ILE A 15 3.64 1.08 -1.98
C ILE A 15 4.36 2.23 -1.24
N ASP A 16 4.14 2.29 0.05
CA ASP A 16 4.78 3.36 0.88
C ASP A 16 5.17 2.82 2.26
N GLY A 17 4.19 2.26 2.95
CA GLY A 17 4.44 1.69 4.30
C GLY A 17 4.10 0.19 4.35
N SER A 18 3.95 -0.30 5.56
CA SER A 18 3.62 -1.74 5.79
C SER A 18 2.40 -1.85 6.72
N CYS A 19 1.54 -2.79 6.41
CA CYS A 19 0.31 -3.01 7.24
C CYS A 19 0.01 -4.50 7.37
N GLY A 20 -1.05 -4.78 8.08
CA GLY A 20 -1.49 -6.19 8.32
C GLY A 20 -0.86 -6.81 9.56
N LEU A 21 -0.51 -8.05 9.41
CA LEU A 21 0.12 -8.85 10.50
C LEU A 21 1.66 -8.71 10.46
N PHE A 22 2.32 -9.64 9.81
CA PHE A 22 3.81 -9.61 9.69
C PHE A 22 4.21 -8.76 8.48
N ASN A 23 3.66 -7.56 8.43
CA ASN A 23 3.95 -6.61 7.31
C ASN A 23 3.62 -7.29 5.97
N SER A 24 2.81 -8.32 6.08
CA SER A 24 2.37 -9.13 4.92
C SER A 24 1.71 -8.21 3.90
N LYS A 25 0.90 -7.31 4.42
CA LYS A 25 0.20 -6.33 3.55
C LYS A 25 1.03 -5.05 3.50
N TYR A 26 0.67 -4.16 2.62
CA TYR A 26 1.44 -2.87 2.49
C TYR A 26 0.51 -1.65 2.43
N ILE A 27 1.01 -0.54 2.89
CA ILE A 27 0.22 0.72 2.90
C ILE A 27 0.52 1.36 1.54
N CYS A 28 -0.34 1.04 0.62
CA CYS A 28 -0.18 1.58 -0.75
C CYS A 28 -0.93 2.92 -0.91
N CYS A 29 -0.16 3.93 -1.20
CA CYS A 29 -0.72 5.31 -1.39
C CYS A 29 -0.64 5.66 -2.88
N ARG A 30 -1.04 6.87 -3.20
CA ARG A 30 -1.03 7.34 -4.61
C ARG A 30 0.37 7.18 -5.24
N GLU A 31 0.38 6.67 -6.44
CA GLU A 31 1.64 6.43 -7.21
C GLU A 31 2.55 7.66 -7.28
N LYS A 32 1.93 8.82 -7.31
CA LYS A 32 2.68 10.12 -7.39
C LYS A 32 2.08 11.13 -6.39
N MET A 1 -9.93 8.10 2.34
CA MET A 1 -8.49 8.03 2.74
C MET A 1 -7.58 8.29 1.51
N PRO A 2 -6.43 8.90 1.73
CA PRO A 2 -5.46 9.20 0.64
C PRO A 2 -4.80 7.90 0.17
N CYS A 3 -4.29 7.17 1.11
CA CYS A 3 -3.60 5.87 0.83
C CYS A 3 -4.52 4.69 1.19
N SER A 4 -4.03 3.49 0.99
CA SER A 4 -4.85 2.27 1.30
C SER A 4 -3.99 1.04 1.59
N CYS A 5 -4.38 0.31 2.60
CA CYS A 5 -3.64 -0.93 3.01
C CYS A 5 -4.06 -2.13 2.12
N LYS A 6 -3.40 -2.20 0.99
CA LYS A 6 -3.66 -3.29 -0.01
C LYS A 6 -2.53 -4.32 0.01
N LYS A 7 -2.91 -5.57 -0.13
CA LYS A 7 -1.92 -6.70 -0.14
C LYS A 7 -0.96 -6.55 -1.33
N TYR A 8 -1.46 -5.90 -2.35
CA TYR A 8 -0.67 -5.66 -3.60
C TYR A 8 -0.90 -4.22 -4.07
N CYS A 9 -0.01 -3.75 -4.89
CA CYS A 9 -0.13 -2.36 -5.43
C CYS A 9 -0.64 -2.45 -6.88
N ASP A 10 -1.44 -1.48 -7.23
CA ASP A 10 -2.04 -1.40 -8.61
C ASP A 10 -1.03 -0.60 -9.48
N PRO A 11 -1.28 -0.45 -10.76
CA PRO A 11 -0.44 0.43 -11.65
C PRO A 11 -0.39 1.87 -11.11
N TRP A 12 -1.51 2.34 -10.62
CA TRP A 12 -1.59 3.72 -10.06
C TRP A 12 -1.23 3.69 -8.56
N GLU A 13 -0.66 2.59 -8.15
CA GLU A 13 -0.24 2.40 -6.74
C GLU A 13 1.22 1.96 -6.62
N VAL A 14 1.83 2.41 -5.55
CA VAL A 14 3.26 2.11 -5.24
C VAL A 14 3.35 2.13 -3.71
N ILE A 15 4.14 1.24 -3.18
CA ILE A 15 4.32 1.14 -1.70
C ILE A 15 4.61 2.49 -1.05
N ASP A 16 3.96 2.68 0.08
CA ASP A 16 4.08 3.94 0.88
C ASP A 16 4.25 3.59 2.36
N GLY A 17 3.95 2.36 2.69
CA GLY A 17 4.06 1.86 4.09
C GLY A 17 3.76 0.37 4.16
N SER A 18 3.61 -0.12 5.35
CA SER A 18 3.31 -1.57 5.58
C SER A 18 2.21 -1.72 6.63
N CYS A 19 1.30 -2.63 6.36
CA CYS A 19 0.15 -2.90 7.28
C CYS A 19 0.01 -4.42 7.50
N GLY A 20 -1.06 -4.80 8.16
CA GLY A 20 -1.32 -6.25 8.43
C GLY A 20 -0.52 -6.81 9.62
N LEU A 21 -0.09 -8.03 9.45
CA LEU A 21 0.70 -8.75 10.49
C LEU A 21 2.21 -8.51 10.31
N PHE A 22 2.90 -9.45 9.67
CA PHE A 22 4.37 -9.32 9.44
C PHE A 22 4.59 -8.50 8.16
N ASN A 23 3.98 -7.34 8.12
CA ASN A 23 4.08 -6.41 6.94
C ASN A 23 3.63 -7.16 5.68
N SER A 24 2.90 -8.23 5.92
CA SER A 24 2.36 -9.11 4.84
C SER A 24 1.44 -8.29 3.94
N LYS A 25 0.77 -7.35 4.55
CA LYS A 25 -0.17 -6.44 3.85
C LYS A 25 0.67 -5.16 3.62
N TYR A 26 0.29 -4.34 2.67
CA TYR A 26 1.09 -3.09 2.41
C TYR A 26 0.24 -1.83 2.23
N ILE A 27 0.75 -0.74 2.75
CA ILE A 27 0.03 0.56 2.64
C ILE A 27 0.52 1.17 1.34
N CYS A 28 -0.15 0.77 0.30
CA CYS A 28 0.22 1.26 -1.06
C CYS A 28 -0.58 2.54 -1.34
N CYS A 29 0.13 3.62 -1.56
CA CYS A 29 -0.53 4.93 -1.85
C CYS A 29 -0.39 5.29 -3.33
N ARG A 30 -1.17 6.26 -3.74
CA ARG A 30 -1.15 6.72 -5.16
C ARG A 30 0.05 7.64 -5.43
N GLU A 31 0.51 7.60 -6.66
CA GLU A 31 1.67 8.44 -7.08
C GLU A 31 1.17 9.82 -7.51
N LYS A 32 -0.09 9.86 -7.89
CA LYS A 32 -0.73 11.12 -8.35
C LYS A 32 -2.27 11.01 -8.27
N MET A 1 -2.11 11.48 -1.40
CA MET A 1 -2.39 11.27 0.05
C MET A 1 -3.26 10.01 0.34
N PRO A 2 -4.28 9.74 -0.44
CA PRO A 2 -5.21 8.61 -0.17
C PRO A 2 -4.46 7.28 -0.33
N CYS A 3 -4.21 6.65 0.79
CA CYS A 3 -3.50 5.35 0.82
C CYS A 3 -4.46 4.18 1.06
N SER A 4 -3.91 2.99 0.97
CA SER A 4 -4.72 1.75 1.17
C SER A 4 -3.83 0.59 1.58
N CYS A 5 -4.20 -0.09 2.64
CA CYS A 5 -3.39 -1.24 3.13
C CYS A 5 -3.64 -2.47 2.24
N LYS A 6 -2.92 -2.50 1.15
CA LYS A 6 -3.03 -3.62 0.17
C LYS A 6 -1.70 -4.36 0.05
N LYS A 7 -1.80 -5.67 0.10
CA LYS A 7 -0.59 -6.55 0.00
C LYS A 7 0.12 -6.42 -1.36
N TYR A 8 -0.45 -5.60 -2.22
CA TYR A 8 0.12 -5.36 -3.57
C TYR A 8 -0.28 -3.91 -3.94
N CYS A 9 -0.34 -3.62 -5.22
CA CYS A 9 -0.73 -2.24 -5.66
C CYS A 9 -1.44 -2.22 -7.02
N ASP A 10 -1.91 -1.05 -7.35
CA ASP A 10 -2.63 -0.79 -8.62
C ASP A 10 -1.58 -0.32 -9.66
N PRO A 11 -1.93 -0.27 -10.92
CA PRO A 11 -1.10 0.43 -11.95
C PRO A 11 -0.88 1.90 -11.55
N TRP A 12 -1.92 2.49 -11.00
CA TRP A 12 -1.87 3.92 -10.57
C TRP A 12 -1.40 4.09 -9.11
N GLU A 13 -1.12 2.99 -8.44
CA GLU A 13 -0.65 3.06 -7.01
C GLU A 13 0.68 2.32 -6.82
N VAL A 14 1.39 2.71 -5.78
CA VAL A 14 2.72 2.10 -5.43
C VAL A 14 2.91 2.12 -3.91
N ILE A 15 3.66 1.15 -3.42
CA ILE A 15 3.95 1.01 -1.96
C ILE A 15 4.40 2.33 -1.30
N ASP A 16 4.15 2.40 -0.02
CA ASP A 16 4.52 3.62 0.77
C ASP A 16 4.85 3.22 2.21
N GLY A 17 4.34 2.08 2.63
CA GLY A 17 4.60 1.59 4.02
C GLY A 17 4.24 0.11 4.17
N SER A 18 4.08 -0.30 5.40
CA SER A 18 3.73 -1.72 5.74
C SER A 18 2.47 -1.75 6.61
N CYS A 19 1.67 -2.78 6.43
CA CYS A 19 0.41 -2.93 7.21
C CYS A 19 0.04 -4.42 7.38
N GLY A 20 -1.16 -4.64 7.86
CA GLY A 20 -1.67 -6.03 8.07
C GLY A 20 -1.16 -6.59 9.41
N LEU A 21 -0.85 -7.85 9.37
CA LEU A 21 -0.33 -8.56 10.59
C LEU A 21 1.20 -8.47 10.62
N PHE A 22 1.89 -9.49 10.15
CA PHE A 22 3.38 -9.49 10.13
C PHE A 22 3.85 -8.81 8.84
N ASN A 23 3.57 -7.52 8.76
CA ASN A 23 3.92 -6.66 7.58
C ASN A 23 3.65 -7.36 6.23
N SER A 24 2.72 -8.29 6.30
CA SER A 24 2.30 -9.08 5.10
C SER A 24 1.67 -8.15 4.08
N LYS A 25 0.81 -7.27 4.57
CA LYS A 25 0.13 -6.31 3.67
C LYS A 25 1.02 -5.06 3.58
N TYR A 26 0.72 -4.17 2.67
CA TYR A 26 1.53 -2.92 2.52
C TYR A 26 0.65 -1.69 2.37
N ILE A 27 1.16 -0.58 2.83
CA ILE A 27 0.38 0.69 2.74
C ILE A 27 0.77 1.28 1.40
N CYS A 28 0.00 0.88 0.42
CA CYS A 28 0.26 1.36 -0.96
C CYS A 28 -0.55 2.65 -1.17
N CYS A 29 0.18 3.72 -1.40
CA CYS A 29 -0.47 5.05 -1.61
C CYS A 29 -0.41 5.43 -3.09
N ARG A 30 -1.44 6.14 -3.50
CA ARG A 30 -1.54 6.58 -4.93
C ARG A 30 -0.56 7.73 -5.16
N GLU A 31 0.64 7.32 -5.47
CA GLU A 31 1.79 8.25 -5.74
C GLU A 31 2.10 8.19 -7.23
N LYS A 32 2.04 6.99 -7.75
CA LYS A 32 2.32 6.73 -9.20
C LYS A 32 1.58 5.45 -9.63
N MET A 1 -3.89 12.03 3.08
CA MET A 1 -3.63 11.20 1.89
C MET A 1 -4.40 9.86 2.03
N PRO A 2 -5.47 9.68 1.29
CA PRO A 2 -6.18 8.37 1.20
C PRO A 2 -5.25 7.33 0.57
N CYS A 3 -4.68 6.50 1.40
CA CYS A 3 -3.75 5.43 0.93
C CYS A 3 -4.55 4.15 0.61
N SER A 4 -3.84 3.07 0.36
CA SER A 4 -4.52 1.78 0.04
C SER A 4 -3.73 0.57 0.58
N CYS A 5 -4.17 0.05 1.70
CA CYS A 5 -3.47 -1.13 2.30
C CYS A 5 -3.90 -2.39 1.53
N LYS A 6 -3.03 -2.84 0.66
CA LYS A 6 -3.30 -4.04 -0.17
C LYS A 6 -2.05 -4.93 -0.24
N LYS A 7 -2.26 -6.20 -0.48
CA LYS A 7 -1.13 -7.18 -0.58
C LYS A 7 -0.16 -6.75 -1.70
N TYR A 8 -0.73 -6.09 -2.68
CA TYR A 8 0.03 -5.59 -3.86
C TYR A 8 -0.56 -4.22 -4.24
N CYS A 9 0.17 -3.47 -5.01
CA CYS A 9 -0.31 -2.13 -5.44
C CYS A 9 -1.12 -2.15 -6.74
N ASP A 10 -1.85 -1.08 -6.91
CA ASP A 10 -2.72 -0.88 -8.11
C ASP A 10 -1.85 -0.17 -9.18
N PRO A 11 -2.26 -0.18 -10.43
CA PRO A 11 -1.50 0.49 -11.53
C PRO A 11 -1.15 1.96 -11.23
N TRP A 12 -2.01 2.61 -10.47
CA TRP A 12 -1.81 4.04 -10.10
C TRP A 12 -1.17 4.18 -8.71
N GLU A 13 -1.28 3.12 -7.95
CA GLU A 13 -0.73 3.08 -6.56
C GLU A 13 0.74 2.60 -6.53
N VAL A 14 1.41 2.96 -5.47
CA VAL A 14 2.84 2.59 -5.26
C VAL A 14 3.12 2.39 -3.76
N ILE A 15 3.99 1.47 -3.43
CA ILE A 15 4.33 1.20 -2.00
C ILE A 15 4.64 2.46 -1.20
N ASP A 16 4.33 2.41 0.07
CA ASP A 16 4.58 3.57 0.97
C ASP A 16 4.86 3.09 2.41
N GLY A 17 4.44 1.89 2.70
CA GLY A 17 4.66 1.30 4.05
C GLY A 17 4.23 -0.17 4.09
N SER A 18 3.87 -0.62 5.27
CA SER A 18 3.44 -2.05 5.47
C SER A 18 2.31 -2.15 6.51
N CYS A 19 1.21 -2.70 6.08
CA CYS A 19 0.01 -2.88 6.96
C CYS A 19 -0.19 -4.37 7.29
N GLY A 20 -1.33 -4.68 7.87
CA GLY A 20 -1.64 -6.09 8.25
C GLY A 20 -0.97 -6.45 9.58
N LEU A 21 -0.52 -7.66 9.69
CA LEU A 21 0.16 -8.14 10.93
C LEU A 21 1.67 -7.85 10.83
N PHE A 22 2.47 -8.85 10.54
CA PHE A 22 3.95 -8.65 10.42
C PHE A 22 4.26 -8.20 8.99
N ASN A 23 3.81 -7.00 8.69
CA ASN A 23 4.00 -6.36 7.35
C ASN A 23 3.42 -7.23 6.21
N SER A 24 2.55 -8.14 6.57
CA SER A 24 1.91 -9.05 5.57
C SER A 24 1.32 -8.25 4.40
N LYS A 25 0.58 -7.23 4.75
CA LYS A 25 -0.05 -6.36 3.73
C LYS A 25 0.88 -5.16 3.52
N TYR A 26 0.69 -4.49 2.41
CA TYR A 26 1.53 -3.30 2.06
C TYR A 26 0.69 -2.01 2.04
N ILE A 27 1.25 -0.97 2.60
CA ILE A 27 0.53 0.34 2.64
C ILE A 27 0.94 1.01 1.34
N CYS A 28 0.14 0.75 0.35
CA CYS A 28 0.40 1.33 -0.99
C CYS A 28 -0.35 2.66 -1.13
N CYS A 29 0.39 3.73 -1.10
CA CYS A 29 -0.22 5.10 -1.23
C CYS A 29 0.14 5.64 -2.61
N ARG A 30 -0.54 6.67 -3.05
CA ARG A 30 -0.23 7.23 -4.41
C ARG A 30 0.75 8.42 -4.36
N GLU A 31 2.00 8.08 -4.53
CA GLU A 31 3.10 9.09 -4.52
C GLU A 31 3.38 9.41 -6.00
N LYS A 32 3.31 8.37 -6.79
CA LYS A 32 3.54 8.46 -8.26
C LYS A 32 2.48 7.60 -8.99
N MET A 1 -7.47 7.41 4.95
CA MET A 1 -8.27 7.85 3.77
C MET A 1 -7.44 8.02 2.47
N PRO A 2 -6.26 8.60 2.54
CA PRO A 2 -5.43 8.85 1.33
C PRO A 2 -4.87 7.52 0.81
N CYS A 3 -4.21 6.83 1.70
CA CYS A 3 -3.60 5.50 1.39
C CYS A 3 -4.57 4.38 1.80
N SER A 4 -4.17 3.16 1.50
CA SER A 4 -5.01 1.96 1.84
C SER A 4 -4.10 0.76 2.06
N CYS A 5 -4.44 -0.05 3.04
CA CYS A 5 -3.62 -1.26 3.34
C CYS A 5 -3.89 -2.37 2.30
N LYS A 6 -3.21 -2.21 1.19
CA LYS A 6 -3.32 -3.16 0.04
C LYS A 6 -2.10 -4.09 0.02
N LYS A 7 -2.34 -5.38 -0.06
CA LYS A 7 -1.20 -6.35 -0.09
C LYS A 7 -0.41 -6.28 -1.41
N TYR A 8 -0.90 -5.46 -2.30
CA TYR A 8 -0.28 -5.24 -3.63
C TYR A 8 -0.93 -3.97 -4.21
N CYS A 9 -0.13 -3.17 -4.87
CA CYS A 9 -0.64 -1.91 -5.49
C CYS A 9 -1.16 -2.10 -6.92
N ASP A 10 -1.59 -0.99 -7.46
CA ASP A 10 -2.14 -0.96 -8.85
C ASP A 10 -0.94 -0.67 -9.78
N PRO A 11 -1.11 -0.77 -11.07
CA PRO A 11 -0.14 -0.19 -12.05
C PRO A 11 -0.28 1.35 -11.98
N TRP A 12 -1.33 1.76 -11.30
CA TRP A 12 -1.65 3.21 -11.12
C TRP A 12 -1.34 3.63 -9.67
N GLU A 13 -0.69 2.76 -8.92
CA GLU A 13 -0.36 3.09 -7.50
C GLU A 13 0.94 2.39 -7.07
N VAL A 14 1.54 2.87 -6.00
CA VAL A 14 2.82 2.26 -5.48
C VAL A 14 2.85 2.21 -3.95
N ILE A 15 3.59 1.25 -3.43
CA ILE A 15 3.73 1.07 -1.96
C ILE A 15 4.26 2.33 -1.27
N ASP A 16 4.01 2.41 0.02
CA ASP A 16 4.46 3.59 0.82
C ASP A 16 4.75 3.17 2.27
N GLY A 17 4.21 2.05 2.67
CA GLY A 17 4.44 1.55 4.06
C GLY A 17 4.06 0.06 4.18
N SER A 18 3.96 -0.37 5.41
CA SER A 18 3.60 -1.79 5.73
C SER A 18 2.40 -1.84 6.67
N CYS A 19 1.56 -2.82 6.45
CA CYS A 19 0.33 -3.00 7.29
C CYS A 19 0.03 -4.49 7.48
N GLY A 20 -1.03 -4.74 8.21
CA GLY A 20 -1.45 -6.14 8.49
C GLY A 20 -0.74 -6.71 9.73
N LEU A 21 -0.42 -7.97 9.62
CA LEU A 21 0.28 -8.71 10.70
C LEU A 21 1.81 -8.58 10.53
N PHE A 22 2.42 -9.57 9.94
CA PHE A 22 3.89 -9.59 9.70
C PHE A 22 4.19 -8.85 8.40
N ASN A 23 3.85 -7.57 8.38
CA ASN A 23 4.04 -6.67 7.20
C ASN A 23 3.67 -7.38 5.88
N SER A 24 2.75 -8.31 6.04
CA SER A 24 2.25 -9.13 4.92
C SER A 24 1.52 -8.22 3.92
N LYS A 25 0.74 -7.32 4.47
CA LYS A 25 -0.02 -6.34 3.64
C LYS A 25 0.82 -5.07 3.56
N TYR A 26 0.46 -4.16 2.68
CA TYR A 26 1.25 -2.89 2.55
C TYR A 26 0.38 -1.65 2.47
N ILE A 27 0.91 -0.55 2.96
CA ILE A 27 0.16 0.74 2.93
C ILE A 27 0.54 1.37 1.60
N CYS A 28 -0.28 1.07 0.62
CA CYS A 28 -0.04 1.60 -0.73
C CYS A 28 -0.73 2.96 -0.92
N CYS A 29 -0.03 3.86 -1.55
CA CYS A 29 -0.57 5.23 -1.81
C CYS A 29 -0.30 5.62 -3.28
N ARG A 30 -1.11 6.50 -3.81
CA ARG A 30 -0.94 6.95 -5.23
C ARG A 30 0.05 8.12 -5.21
N GLU A 31 1.31 7.77 -5.20
CA GLU A 31 2.42 8.77 -5.19
C GLU A 31 2.26 9.78 -6.32
N LYS A 32 1.90 9.27 -7.48
CA LYS A 32 1.70 10.14 -8.68
C LYS A 32 0.36 10.90 -8.54
N MET A 1 -1.64 11.77 0.32
CA MET A 1 -2.10 11.44 1.69
C MET A 1 -3.08 10.24 1.71
N PRO A 2 -4.05 10.19 0.82
CA PRO A 2 -5.11 9.15 0.85
C PRO A 2 -4.51 7.81 0.39
N CYS A 3 -4.22 6.98 1.35
CA CYS A 3 -3.62 5.64 1.07
C CYS A 3 -4.55 4.52 1.55
N SER A 4 -4.11 3.30 1.39
CA SER A 4 -4.93 2.12 1.82
C SER A 4 -4.05 0.87 2.02
N CYS A 5 -4.34 0.15 3.07
CA CYS A 5 -3.57 -1.09 3.37
C CYS A 5 -4.07 -2.22 2.47
N LYS A 6 -3.38 -2.41 1.39
CA LYS A 6 -3.72 -3.48 0.40
C LYS A 6 -2.63 -4.55 0.35
N LYS A 7 -3.04 -5.76 0.05
CA LYS A 7 -2.08 -6.91 -0.03
C LYS A 7 -0.97 -6.58 -1.05
N TYR A 8 -1.34 -5.82 -2.05
CA TYR A 8 -0.40 -5.41 -3.12
C TYR A 8 -0.87 -4.07 -3.75
N CYS A 9 -0.01 -3.51 -4.55
CA CYS A 9 -0.31 -2.22 -5.24
C CYS A 9 -0.98 -2.43 -6.60
N ASP A 10 -0.96 -1.41 -7.41
CA ASP A 10 -1.57 -1.43 -8.78
C ASP A 10 -0.59 -0.76 -9.77
N PRO A 11 -0.84 -0.89 -11.05
CA PRO A 11 -0.19 -0.01 -12.07
C PRO A 11 -0.29 1.48 -11.71
N TRP A 12 -1.39 1.84 -11.08
CA TRP A 12 -1.64 3.26 -10.68
C TRP A 12 -1.34 3.51 -9.19
N GLU A 13 -0.74 2.53 -8.54
CA GLU A 13 -0.42 2.67 -7.09
C GLU A 13 1.02 2.21 -6.81
N VAL A 14 1.58 2.69 -5.71
CA VAL A 14 2.98 2.34 -5.32
C VAL A 14 3.05 2.26 -3.78
N ILE A 15 3.86 1.37 -3.26
CA ILE A 15 3.98 1.25 -1.78
C ILE A 15 4.58 2.51 -1.16
N ASP A 16 4.13 2.78 0.04
CA ASP A 16 4.61 3.99 0.80
C ASP A 16 4.67 3.67 2.30
N GLY A 17 4.04 2.58 2.68
CA GLY A 17 4.03 2.16 4.11
C GLY A 17 3.80 0.65 4.21
N SER A 18 3.74 0.18 5.44
CA SER A 18 3.50 -1.28 5.72
C SER A 18 2.29 -1.43 6.63
N CYS A 19 1.68 -2.59 6.57
CA CYS A 19 0.47 -2.87 7.42
C CYS A 19 0.23 -4.39 7.54
N GLY A 20 -0.88 -4.73 8.13
CA GLY A 20 -1.26 -6.16 8.32
C GLY A 20 -0.50 -6.78 9.50
N LEU A 21 -0.26 -8.06 9.39
CA LEU A 21 0.47 -8.82 10.45
C LEU A 21 1.98 -8.78 10.17
N PHE A 22 2.50 -9.82 9.56
CA PHE A 22 3.96 -9.92 9.22
C PHE A 22 4.19 -9.18 7.90
N ASN A 23 3.98 -7.89 7.94
CA ASN A 23 4.15 -6.98 6.74
C ASN A 23 3.57 -7.65 5.48
N SER A 24 2.58 -8.48 5.75
CA SER A 24 1.87 -9.24 4.70
C SER A 24 1.14 -8.26 3.77
N LYS A 25 0.74 -7.16 4.35
CA LYS A 25 0.03 -6.08 3.60
C LYS A 25 0.90 -4.83 3.62
N TYR A 26 0.63 -3.96 2.68
CA TYR A 26 1.38 -2.68 2.55
C TYR A 26 0.43 -1.52 2.31
N ILE A 27 0.81 -0.37 2.82
CA ILE A 27 -0.04 0.84 2.66
C ILE A 27 0.45 1.45 1.34
N CYS A 28 -0.26 1.06 0.31
CA CYS A 28 0.07 1.55 -1.05
C CYS A 28 -0.72 2.84 -1.34
N CYS A 29 0.02 3.88 -1.59
CA CYS A 29 -0.61 5.21 -1.89
C CYS A 29 -0.35 5.55 -3.36
N ARG A 30 -1.23 6.33 -3.91
CA ARG A 30 -1.11 6.76 -5.34
C ARG A 30 0.14 7.61 -5.59
N GLU A 31 0.39 7.88 -6.85
CA GLU A 31 1.57 8.70 -7.25
C GLU A 31 1.39 9.06 -8.73
N LYS A 32 1.49 10.34 -9.02
CA LYS A 32 1.33 10.81 -10.43
C LYS A 32 2.58 10.42 -11.25
N MET A 1 -5.17 13.02 -0.74
CA MET A 1 -5.97 12.10 0.13
C MET A 1 -5.03 11.08 0.79
N PRO A 2 -5.43 10.51 1.91
CA PRO A 2 -4.63 9.46 2.60
C PRO A 2 -4.40 8.20 1.72
N CYS A 3 -3.54 7.35 2.22
CA CYS A 3 -3.19 6.08 1.50
C CYS A 3 -4.13 4.95 1.92
N SER A 4 -3.85 3.77 1.44
CA SER A 4 -4.70 2.58 1.78
C SER A 4 -3.86 1.30 1.72
N CYS A 5 -4.27 0.33 2.51
CA CYS A 5 -3.56 -0.98 2.58
C CYS A 5 -4.12 -2.02 1.60
N LYS A 6 -3.20 -2.71 0.97
CA LYS A 6 -3.53 -3.78 -0.01
C LYS A 6 -2.40 -4.82 0.05
N LYS A 7 -2.72 -6.06 -0.21
CA LYS A 7 -1.67 -7.14 -0.17
C LYS A 7 -0.53 -6.81 -1.15
N TYR A 8 -0.90 -6.07 -2.17
CA TYR A 8 0.05 -5.63 -3.24
C TYR A 8 -0.48 -4.33 -3.85
N CYS A 9 0.37 -3.66 -4.59
CA CYS A 9 -0.02 -2.36 -5.23
C CYS A 9 -0.65 -2.57 -6.62
N ASP A 10 -1.48 -1.63 -6.95
CA ASP A 10 -2.20 -1.61 -8.26
C ASP A 10 -1.29 -0.84 -9.26
N PRO A 11 -1.59 -0.89 -10.55
CA PRO A 11 -0.89 -0.04 -11.56
C PRO A 11 -0.84 1.45 -11.15
N TRP A 12 -1.95 1.95 -10.65
CA TRP A 12 -2.04 3.38 -10.22
C TRP A 12 -1.64 3.54 -8.74
N GLU A 13 -1.00 2.51 -8.23
CA GLU A 13 -0.55 2.49 -6.80
C GLU A 13 0.97 2.33 -6.68
N VAL A 14 1.50 2.89 -5.61
CA VAL A 14 2.97 2.84 -5.32
C VAL A 14 3.13 2.64 -3.79
N ILE A 15 3.90 1.65 -3.41
CA ILE A 15 4.13 1.36 -1.96
C ILE A 15 4.55 2.60 -1.17
N ASP A 16 4.22 2.59 0.10
CA ASP A 16 4.58 3.74 0.99
C ASP A 16 4.79 3.26 2.44
N GLY A 17 4.18 2.15 2.77
CA GLY A 17 4.33 1.59 4.15
C GLY A 17 4.03 0.08 4.21
N SER A 18 3.85 -0.38 5.42
CA SER A 18 3.55 -1.82 5.68
C SER A 18 2.23 -1.95 6.46
N CYS A 19 1.52 -3.02 6.23
CA CYS A 19 0.21 -3.24 6.93
C CYS A 19 -0.13 -4.74 7.02
N GLY A 20 -1.35 -5.02 7.41
CA GLY A 20 -1.83 -6.44 7.54
C GLY A 20 -1.34 -6.98 8.88
N LEU A 21 -0.77 -8.15 8.84
CA LEU A 21 -0.24 -8.80 10.08
C LEU A 21 1.24 -8.41 10.15
N PHE A 22 2.19 -9.33 10.15
CA PHE A 22 3.62 -8.88 10.22
C PHE A 22 4.05 -8.40 8.82
N ASN A 23 3.83 -7.12 8.61
CA ASN A 23 4.16 -6.41 7.33
C ASN A 23 3.84 -7.21 6.05
N SER A 24 2.86 -8.08 6.17
CA SER A 24 2.44 -8.93 5.01
C SER A 24 1.93 -8.05 3.88
N LYS A 25 1.01 -7.19 4.23
CA LYS A 25 0.40 -6.25 3.24
C LYS A 25 1.26 -4.97 3.21
N TYR A 26 0.92 -4.09 2.32
CA TYR A 26 1.67 -2.81 2.18
C TYR A 26 0.69 -1.64 2.04
N ILE A 27 1.08 -0.52 2.58
CA ILE A 27 0.22 0.70 2.51
C ILE A 27 0.63 1.39 1.22
N CYS A 28 -0.13 1.07 0.21
CA CYS A 28 0.13 1.65 -1.13
C CYS A 28 -0.71 2.92 -1.29
N CYS A 29 -0.09 3.95 -1.83
CA CYS A 29 -0.78 5.26 -2.05
C CYS A 29 -1.04 5.52 -3.54
N ARG A 30 -1.99 6.39 -3.78
CA ARG A 30 -2.38 6.76 -5.18
C ARG A 30 -1.71 8.10 -5.56
N GLU A 31 -0.41 8.08 -5.43
CA GLU A 31 0.42 9.28 -5.75
C GLU A 31 0.65 9.40 -7.27
N LYS A 32 1.13 10.54 -7.67
CA LYS A 32 1.41 10.80 -9.12
C LYS A 32 2.61 11.77 -9.17
N MET A 1 -2.30 11.33 1.06
CA MET A 1 -2.94 10.55 -0.05
C MET A 1 -3.67 9.32 0.53
N PRO A 2 -4.66 8.82 -0.18
CA PRO A 2 -5.39 7.57 0.20
C PRO A 2 -4.43 6.38 0.13
N CYS A 3 -3.79 6.14 1.24
CA CYS A 3 -2.81 5.01 1.35
C CYS A 3 -3.56 3.77 1.84
N SER A 4 -4.29 3.19 0.92
CA SER A 4 -5.10 1.97 1.23
C SER A 4 -4.19 0.73 1.39
N CYS A 5 -4.49 -0.04 2.40
CA CYS A 5 -3.70 -1.28 2.67
C CYS A 5 -4.10 -2.42 1.72
N LYS A 6 -3.17 -2.75 0.86
CA LYS A 6 -3.36 -3.83 -0.15
C LYS A 6 -2.10 -4.70 -0.14
N LYS A 7 -2.29 -6.00 -0.30
CA LYS A 7 -1.12 -6.93 -0.29
C LYS A 7 -0.21 -6.61 -1.52
N TYR A 8 -0.78 -5.90 -2.46
CA TYR A 8 -0.08 -5.48 -3.70
C TYR A 8 -0.67 -4.15 -4.17
N CYS A 9 0.14 -3.38 -4.87
CA CYS A 9 -0.31 -2.06 -5.38
C CYS A 9 -0.96 -2.15 -6.77
N ASP A 10 -1.64 -1.10 -7.11
CA ASP A 10 -2.35 -1.00 -8.42
C ASP A 10 -1.37 -0.38 -9.44
N PRO A 11 -1.67 -0.47 -10.71
CA PRO A 11 -0.99 0.36 -11.75
C PRO A 11 -1.00 1.86 -11.38
N TRP A 12 -2.09 2.29 -10.77
CA TRP A 12 -2.24 3.73 -10.36
C TRP A 12 -1.87 3.93 -8.88
N GLU A 13 -1.12 3.00 -8.33
CA GLU A 13 -0.70 3.08 -6.90
C GLU A 13 0.80 2.72 -6.77
N VAL A 14 1.36 3.07 -5.64
CA VAL A 14 2.81 2.79 -5.35
C VAL A 14 2.98 2.61 -3.84
N ILE A 15 3.85 1.70 -3.46
CA ILE A 15 4.12 1.42 -2.02
C ILE A 15 4.47 2.67 -1.20
N ASP A 16 4.30 2.52 0.09
CA ASP A 16 4.60 3.62 1.07
C ASP A 16 5.02 3.01 2.41
N GLY A 17 4.50 1.85 2.70
CA GLY A 17 4.84 1.15 3.98
C GLY A 17 4.43 -0.32 3.93
N SER A 18 4.26 -0.89 5.10
CA SER A 18 3.84 -2.33 5.20
C SER A 18 2.74 -2.53 6.26
N CYS A 19 1.55 -2.81 5.77
CA CYS A 19 0.36 -3.02 6.66
C CYS A 19 0.15 -4.53 6.92
N GLY A 20 -1.01 -4.86 7.45
CA GLY A 20 -1.35 -6.29 7.75
C GLY A 20 -1.00 -6.58 9.21
N LEU A 21 -0.73 -7.83 9.49
CA LEU A 21 -0.37 -8.23 10.89
C LEU A 21 1.15 -8.13 11.05
N PHE A 22 1.87 -9.07 10.52
CA PHE A 22 3.37 -9.04 10.63
C PHE A 22 3.93 -8.24 9.42
N ASN A 23 3.27 -7.13 9.15
CA ASN A 23 3.67 -6.24 8.01
C ASN A 23 3.54 -7.03 6.68
N SER A 24 2.66 -8.01 6.74
CA SER A 24 2.38 -8.91 5.59
C SER A 24 1.85 -8.15 4.37
N LYS A 25 0.93 -7.26 4.63
CA LYS A 25 0.32 -6.45 3.53
C LYS A 25 1.16 -5.18 3.32
N TYR A 26 0.78 -4.41 2.34
CA TYR A 26 1.52 -3.15 2.03
C TYR A 26 0.64 -1.90 2.01
N ILE A 27 1.22 -0.83 2.49
CA ILE A 27 0.51 0.49 2.53
C ILE A 27 0.83 1.11 1.18
N CYS A 28 -0.16 1.15 0.33
CA CYS A 28 0.07 1.74 -1.03
C CYS A 28 -0.74 3.03 -1.24
N CYS A 29 -0.02 4.09 -1.50
CA CYS A 29 -0.63 5.44 -1.74
C CYS A 29 -0.58 5.73 -3.25
N ARG A 30 -1.54 6.49 -3.73
CA ARG A 30 -1.56 6.83 -5.19
C ARG A 30 -0.41 7.77 -5.54
N GLU A 31 -0.02 7.78 -6.79
CA GLU A 31 1.10 8.65 -7.25
C GLU A 31 1.09 8.77 -8.78
N LYS A 32 1.59 9.89 -9.25
CA LYS A 32 1.66 10.17 -10.71
C LYS A 32 2.76 11.22 -10.98
N MET A 1 -8.85 7.49 1.84
CA MET A 1 -7.61 6.70 2.00
C MET A 1 -6.99 6.44 0.61
N PRO A 2 -6.08 7.31 0.20
CA PRO A 2 -5.17 7.02 -0.95
C PRO A 2 -4.18 5.93 -0.52
N CYS A 3 -3.78 6.02 0.72
CA CYS A 3 -2.81 5.05 1.32
C CYS A 3 -3.57 3.85 1.91
N SER A 4 -4.28 3.16 1.06
CA SER A 4 -5.06 1.96 1.51
C SER A 4 -4.16 0.73 1.68
N CYS A 5 -4.47 -0.07 2.67
CA CYS A 5 -3.67 -1.30 2.93
C CYS A 5 -4.06 -2.42 1.95
N LYS A 6 -3.18 -2.64 1.00
CA LYS A 6 -3.39 -3.69 -0.04
C LYS A 6 -2.15 -4.60 -0.06
N LYS A 7 -2.38 -5.88 -0.22
CA LYS A 7 -1.27 -6.87 -0.28
C LYS A 7 -0.32 -6.56 -1.45
N TYR A 8 -0.87 -5.84 -2.40
CA TYR A 8 -0.13 -5.43 -3.63
C TYR A 8 -0.77 -4.11 -4.12
N CYS A 9 -0.01 -3.35 -4.85
CA CYS A 9 -0.53 -2.05 -5.38
C CYS A 9 -1.22 -2.19 -6.73
N ASP A 10 -1.76 -1.07 -7.15
CA ASP A 10 -2.49 -0.96 -8.44
C ASP A 10 -1.47 -0.54 -9.53
N PRO A 11 -1.82 -0.65 -10.79
CA PRO A 11 -1.04 -0.01 -11.89
C PRO A 11 -0.89 1.50 -11.69
N TRP A 12 -1.80 2.07 -10.94
CA TRP A 12 -1.77 3.54 -10.65
C TRP A 12 -1.35 3.86 -9.20
N GLU A 13 -0.94 2.85 -8.47
CA GLU A 13 -0.51 3.06 -7.06
C GLU A 13 0.87 2.43 -6.80
N VAL A 14 1.49 2.88 -5.74
CA VAL A 14 2.85 2.38 -5.34
C VAL A 14 2.98 2.29 -3.80
N ILE A 15 3.75 1.33 -3.35
CA ILE A 15 3.96 1.12 -1.89
C ILE A 15 4.46 2.40 -1.19
N ASP A 16 4.18 2.46 0.09
CA ASP A 16 4.59 3.64 0.91
C ASP A 16 4.85 3.21 2.36
N GLY A 17 4.24 2.11 2.75
CA GLY A 17 4.42 1.59 4.15
C GLY A 17 4.07 0.09 4.22
N SER A 18 3.90 -0.35 5.44
CA SER A 18 3.56 -1.78 5.72
C SER A 18 2.25 -1.87 6.52
N CYS A 19 1.54 -2.97 6.35
CA CYS A 19 0.25 -3.17 7.06
C CYS A 19 -0.07 -4.68 7.19
N GLY A 20 -1.27 -4.96 7.64
CA GLY A 20 -1.74 -6.38 7.81
C GLY A 20 -1.17 -6.86 9.15
N LEU A 21 -0.66 -8.07 9.17
CA LEU A 21 -0.08 -8.64 10.41
C LEU A 21 1.41 -8.25 10.42
N PHE A 22 2.31 -9.20 10.32
CA PHE A 22 3.76 -8.87 10.31
C PHE A 22 4.12 -8.39 8.91
N ASN A 23 3.88 -7.11 8.70
CA ASN A 23 4.14 -6.40 7.40
C ASN A 23 3.74 -7.21 6.15
N SER A 24 2.77 -8.09 6.33
CA SER A 24 2.28 -8.94 5.21
C SER A 24 1.75 -8.06 4.07
N LYS A 25 0.83 -7.21 4.42
CA LYS A 25 0.24 -6.29 3.40
C LYS A 25 1.07 -4.99 3.39
N TYR A 26 0.73 -4.09 2.51
CA TYR A 26 1.48 -2.81 2.41
C TYR A 26 0.54 -1.60 2.28
N ILE A 27 1.00 -0.49 2.77
CA ILE A 27 0.22 0.78 2.71
C ILE A 27 0.62 1.39 1.37
N CYS A 28 -0.20 1.14 0.39
CA CYS A 28 0.10 1.68 -0.96
C CYS A 28 -0.52 3.07 -1.19
N CYS A 29 0.35 4.05 -1.25
CA CYS A 29 -0.09 5.47 -1.47
C CYS A 29 0.22 5.83 -2.94
N ARG A 30 -0.28 6.96 -3.37
CA ARG A 30 -0.02 7.40 -4.77
C ARG A 30 1.21 8.31 -4.71
N GLU A 31 2.20 7.82 -3.98
CA GLU A 31 3.49 8.55 -3.79
C GLU A 31 4.65 7.81 -4.47
N LYS A 32 4.91 8.18 -5.70
CA LYS A 32 6.01 7.54 -6.48
C LYS A 32 7.33 8.32 -6.35
N MET A 1 -8.69 9.45 -1.16
CA MET A 1 -7.86 8.75 -0.14
C MET A 1 -6.86 7.85 -0.92
N PRO A 2 -5.76 8.42 -1.37
CA PRO A 2 -4.77 7.70 -2.22
C PRO A 2 -4.12 6.52 -1.49
N CYS A 3 -4.06 6.62 -0.18
CA CYS A 3 -3.44 5.54 0.65
C CYS A 3 -4.48 4.48 1.04
N SER A 4 -4.02 3.25 1.09
CA SER A 4 -4.90 2.10 1.45
C SER A 4 -4.06 0.85 1.73
N CYS A 5 -4.46 0.12 2.76
CA CYS A 5 -3.72 -1.13 3.11
C CYS A 5 -4.08 -2.27 2.16
N LYS A 6 -3.34 -2.31 1.08
CA LYS A 6 -3.53 -3.35 0.02
C LYS A 6 -2.31 -4.28 0.05
N LYS A 7 -2.58 -5.57 -0.03
CA LYS A 7 -1.47 -6.57 -0.01
C LYS A 7 -0.54 -6.29 -1.22
N TYR A 8 -1.14 -5.78 -2.26
CA TYR A 8 -0.39 -5.44 -3.51
C TYR A 8 -0.89 -4.07 -4.01
N CYS A 9 -0.07 -3.42 -4.79
CA CYS A 9 -0.45 -2.07 -5.35
C CYS A 9 -1.19 -2.14 -6.69
N ASP A 10 -1.64 -0.98 -7.09
CA ASP A 10 -2.39 -0.82 -8.37
C ASP A 10 -1.35 -0.51 -9.48
N PRO A 11 -1.73 -0.68 -10.72
CA PRO A 11 -0.92 -0.16 -11.87
C PRO A 11 -0.65 1.36 -11.76
N TRP A 12 -1.45 2.03 -10.97
CA TRP A 12 -1.30 3.51 -10.77
C TRP A 12 -0.92 3.88 -9.33
N GLU A 13 -0.57 2.89 -8.54
CA GLU A 13 -0.19 3.14 -7.12
C GLU A 13 1.13 2.43 -6.77
N VAL A 14 1.78 2.92 -5.73
CA VAL A 14 3.08 2.32 -5.27
C VAL A 14 3.10 2.26 -3.73
N ILE A 15 3.87 1.33 -3.21
CA ILE A 15 3.98 1.15 -1.73
C ILE A 15 4.46 2.41 -0.98
N ASP A 16 3.93 2.54 0.21
CA ASP A 16 4.25 3.69 1.12
C ASP A 16 4.44 3.17 2.56
N GLY A 17 3.93 1.99 2.83
CA GLY A 17 4.05 1.40 4.20
C GLY A 17 3.84 -0.12 4.19
N SER A 18 3.85 -0.70 5.37
CA SER A 18 3.66 -2.18 5.55
C SER A 18 2.57 -2.45 6.61
N CYS A 19 1.39 -2.76 6.14
CA CYS A 19 0.23 -3.07 7.05
C CYS A 19 0.05 -4.58 7.25
N GLY A 20 -1.11 -4.95 7.75
CA GLY A 20 -1.41 -6.40 8.01
C GLY A 20 -0.74 -6.85 9.30
N LEU A 21 -0.25 -8.07 9.27
CA LEU A 21 0.44 -8.66 10.45
C LEU A 21 1.94 -8.31 10.37
N PHE A 22 2.78 -9.28 10.08
CA PHE A 22 4.24 -9.01 9.99
C PHE A 22 4.57 -8.51 8.57
N ASN A 23 4.17 -7.29 8.33
CA ASN A 23 4.38 -6.60 7.01
C ASN A 23 3.76 -7.37 5.83
N SER A 24 2.87 -8.28 6.14
CA SER A 24 2.20 -9.10 5.09
C SER A 24 1.52 -8.18 4.06
N LYS A 25 0.75 -7.26 4.57
CA LYS A 25 0.02 -6.31 3.68
C LYS A 25 0.84 -5.01 3.61
N TYR A 26 0.47 -4.13 2.70
CA TYR A 26 1.20 -2.84 2.54
C TYR A 26 0.29 -1.62 2.40
N ILE A 27 0.70 -0.51 2.96
CA ILE A 27 -0.14 0.72 2.86
C ILE A 27 0.38 1.34 1.56
N CYS A 28 -0.26 0.95 0.48
CA CYS A 28 0.15 1.49 -0.84
C CYS A 28 -0.63 2.76 -1.12
N CYS A 29 0.10 3.81 -1.40
CA CYS A 29 -0.52 5.13 -1.70
C CYS A 29 -0.09 5.59 -3.09
N ARG A 30 -0.86 6.46 -3.70
CA ARG A 30 -0.51 6.97 -5.06
C ARG A 30 0.61 8.00 -4.90
N GLU A 31 1.79 7.45 -4.75
CA GLU A 31 3.04 8.23 -4.56
C GLU A 31 3.87 8.09 -5.85
N LYS A 32 3.19 8.35 -6.95
CA LYS A 32 3.84 8.26 -8.29
C LYS A 32 4.91 9.36 -8.44
N MET A 1 -0.44 9.56 5.61
CA MET A 1 -1.15 10.06 4.39
C MET A 1 -2.47 9.28 4.21
N PRO A 2 -3.45 9.87 3.56
CA PRO A 2 -4.66 9.13 3.10
C PRO A 2 -4.21 8.12 2.03
N CYS A 3 -4.18 6.87 2.43
CA CYS A 3 -3.75 5.78 1.49
C CYS A 3 -4.65 4.54 1.63
N SER A 4 -4.16 3.42 1.16
CA SER A 4 -4.93 2.15 1.22
C SER A 4 -4.00 0.95 1.48
N CYS A 5 -4.29 0.22 2.55
CA CYS A 5 -3.47 -0.97 2.90
C CYS A 5 -3.92 -2.17 2.04
N LYS A 6 -3.08 -2.51 1.09
CA LYS A 6 -3.38 -3.64 0.18
C LYS A 6 -2.16 -4.58 0.13
N LYS A 7 -2.44 -5.86 0.05
CA LYS A 7 -1.36 -6.89 0.00
C LYS A 7 -0.47 -6.62 -1.23
N TYR A 8 -1.09 -6.08 -2.25
CA TYR A 8 -0.40 -5.74 -3.51
C TYR A 8 -0.93 -4.39 -4.01
N CYS A 9 -0.12 -3.70 -4.79
CA CYS A 9 -0.52 -2.37 -5.34
C CYS A 9 -1.25 -2.48 -6.69
N ASP A 10 -1.32 -1.36 -7.37
CA ASP A 10 -1.99 -1.27 -8.70
C ASP A 10 -1.04 -0.58 -9.70
N PRO A 11 -1.36 -0.59 -10.97
CA PRO A 11 -0.73 0.33 -11.97
C PRO A 11 -0.81 1.81 -11.52
N TRP A 12 -1.87 2.14 -10.82
CA TRP A 12 -2.07 3.53 -10.32
C TRP A 12 -1.74 3.67 -8.82
N GLU A 13 -1.12 2.66 -8.27
CA GLU A 13 -0.74 2.69 -6.82
C GLU A 13 0.69 2.14 -6.62
N VAL A 14 1.39 2.69 -5.66
CA VAL A 14 2.79 2.24 -5.36
C VAL A 14 2.98 2.26 -3.83
N ILE A 15 3.74 1.32 -3.34
CA ILE A 15 4.02 1.20 -1.87
C ILE A 15 4.57 2.47 -1.21
N ASP A 16 4.37 2.51 0.09
CA ASP A 16 4.83 3.67 0.94
C ASP A 16 5.21 3.13 2.32
N GLY A 17 4.45 2.18 2.79
CA GLY A 17 4.72 1.58 4.14
C GLY A 17 4.33 0.10 4.21
N SER A 18 4.18 -0.35 5.43
CA SER A 18 3.80 -1.78 5.71
C SER A 18 2.50 -1.81 6.53
N CYS A 19 1.73 -2.84 6.33
CA CYS A 19 0.43 -3.00 7.06
C CYS A 19 0.03 -4.48 7.12
N GLY A 20 -1.20 -4.72 7.52
CA GLY A 20 -1.73 -6.11 7.64
C GLY A 20 -1.33 -6.75 8.97
N LEU A 21 -0.91 -7.98 8.88
CA LEU A 21 -0.46 -8.76 10.07
C LEU A 21 1.04 -8.56 10.33
N PHE A 22 1.85 -9.46 9.83
CA PHE A 22 3.33 -9.39 10.01
C PHE A 22 3.93 -8.51 8.90
N ASN A 23 3.38 -7.32 8.76
CA ASN A 23 3.86 -6.35 7.71
C ASN A 23 3.77 -7.04 6.33
N SER A 24 2.96 -8.08 6.32
CA SER A 24 2.72 -8.90 5.10
C SER A 24 2.12 -8.02 4.01
N LYS A 25 1.21 -7.17 4.40
CA LYS A 25 0.56 -6.26 3.42
C LYS A 25 1.39 -4.97 3.35
N TYR A 26 1.02 -4.09 2.45
CA TYR A 26 1.77 -2.81 2.30
C TYR A 26 0.81 -1.63 2.17
N ILE A 27 1.28 -0.50 2.63
CA ILE A 27 0.45 0.74 2.58
C ILE A 27 0.78 1.36 1.21
N CYS A 28 -0.05 1.00 0.28
CA CYS A 28 0.13 1.51 -1.10
C CYS A 28 -0.68 2.80 -1.20
N CYS A 29 -0.03 3.84 -1.63
CA CYS A 29 -0.70 5.17 -1.77
C CYS A 29 -0.63 5.71 -3.21
N ARG A 30 -1.09 6.92 -3.36
CA ARG A 30 -1.11 7.60 -4.69
C ARG A 30 0.02 8.64 -4.83
N GLU A 31 1.13 8.17 -5.35
CA GLU A 31 2.32 9.05 -5.57
C GLU A 31 2.24 9.61 -6.99
N LYS A 32 1.32 10.54 -7.13
CA LYS A 32 1.08 11.20 -8.45
C LYS A 32 2.34 11.96 -8.94
N MET A 1 -2.87 12.33 -1.54
CA MET A 1 -3.90 11.31 -1.87
C MET A 1 -4.00 10.28 -0.72
N PRO A 2 -5.18 9.76 -0.46
CA PRO A 2 -5.39 8.74 0.62
C PRO A 2 -4.69 7.41 0.26
N CYS A 3 -4.20 6.76 1.28
CA CYS A 3 -3.48 5.45 1.10
C CYS A 3 -4.45 4.28 1.33
N SER A 4 -3.97 3.10 1.03
CA SER A 4 -4.81 1.87 1.21
C SER A 4 -3.94 0.66 1.58
N CYS A 5 -4.33 0.00 2.64
CA CYS A 5 -3.57 -1.21 3.10
C CYS A 5 -3.96 -2.43 2.25
N LYS A 6 -3.24 -2.59 1.17
CA LYS A 6 -3.48 -3.72 0.22
C LYS A 6 -2.20 -4.56 0.10
N LYS A 7 -2.38 -5.86 -0.01
CA LYS A 7 -1.20 -6.78 -0.15
C LYS A 7 -0.44 -6.51 -1.44
N TYR A 8 -1.10 -5.84 -2.35
CA TYR A 8 -0.49 -5.50 -3.68
C TYR A 8 -1.01 -4.12 -4.11
N CYS A 9 -0.21 -3.46 -4.91
CA CYS A 9 -0.59 -2.11 -5.43
C CYS A 9 -1.37 -2.19 -6.76
N ASP A 10 -1.42 -1.07 -7.42
CA ASP A 10 -2.13 -0.92 -8.73
C ASP A 10 -1.10 -0.36 -9.74
N PRO A 11 -1.37 -0.44 -11.02
CA PRO A 11 -0.52 0.22 -12.06
C PRO A 11 -0.38 1.74 -11.81
N TRP A 12 -1.37 2.29 -11.16
CA TRP A 12 -1.40 3.75 -10.82
C TRP A 12 -1.02 4.03 -9.37
N GLU A 13 -0.97 3.00 -8.57
CA GLU A 13 -0.61 3.14 -7.11
C GLU A 13 0.81 2.59 -6.87
N VAL A 14 1.38 2.94 -5.75
CA VAL A 14 2.77 2.47 -5.40
C VAL A 14 2.93 2.34 -3.87
N ILE A 15 3.70 1.38 -3.44
CA ILE A 15 3.95 1.12 -1.99
C ILE A 15 4.44 2.40 -1.27
N ASP A 16 4.12 2.46 0.00
CA ASP A 16 4.53 3.64 0.83
C ASP A 16 4.79 3.21 2.28
N GLY A 17 4.25 2.07 2.65
CA GLY A 17 4.44 1.54 4.03
C GLY A 17 4.06 0.06 4.11
N SER A 18 3.92 -0.40 5.32
CA SER A 18 3.55 -1.83 5.59
C SER A 18 2.41 -1.90 6.62
N CYS A 19 1.47 -2.78 6.35
CA CYS A 19 0.29 -2.96 7.25
C CYS A 19 0.03 -4.45 7.49
N GLY A 20 -1.09 -4.72 8.13
CA GLY A 20 -1.49 -6.13 8.43
C GLY A 20 -0.78 -6.65 9.69
N LEU A 21 -0.42 -7.89 9.63
CA LEU A 21 0.30 -8.56 10.76
C LEU A 21 1.81 -8.40 10.62
N PHE A 22 2.48 -9.37 10.04
CA PHE A 22 3.96 -9.33 9.85
C PHE A 22 4.30 -8.56 8.55
N ASN A 23 3.79 -7.35 8.47
CA ASN A 23 4.02 -6.47 7.27
C ASN A 23 3.60 -7.23 6.00
N SER A 24 2.75 -8.22 6.23
CA SER A 24 2.22 -9.09 5.15
C SER A 24 1.49 -8.22 4.13
N LYS A 25 0.74 -7.28 4.65
CA LYS A 25 -0.04 -6.34 3.77
C LYS A 25 0.85 -5.11 3.55
N TYR A 26 0.45 -4.25 2.64
CA TYR A 26 1.27 -3.01 2.37
C TYR A 26 0.42 -1.76 2.27
N ILE A 27 0.94 -0.69 2.81
CA ILE A 27 0.22 0.61 2.78
C ILE A 27 0.66 1.27 1.48
N CYS A 28 -0.06 0.89 0.47
CA CYS A 28 0.23 1.42 -0.89
C CYS A 28 -0.61 2.70 -1.09
N CYS A 29 0.09 3.76 -1.33
CA CYS A 29 -0.56 5.10 -1.54
C CYS A 29 -0.52 5.43 -3.04
N ARG A 30 -1.49 6.19 -3.47
CA ARG A 30 -1.58 6.59 -4.91
C ARG A 30 -0.27 7.25 -5.38
N GLU A 31 0.22 6.79 -6.50
CA GLU A 31 1.47 7.34 -7.07
C GLU A 31 1.20 8.72 -7.69
N LYS A 32 0.10 8.80 -8.41
CA LYS A 32 -0.30 10.08 -9.07
C LYS A 32 -1.83 10.27 -8.95
N MET A 1 -5.59 10.00 1.87
CA MET A 1 -5.49 9.57 1.68
C MET A 1 -5.37 8.97 1.39
N PRO A 2 -5.41 9.14 1.27
CA PRO A 2 -5.27 8.60 0.99
C PRO A 2 -4.61 7.43 0.56
N CYS A 3 -4.18 6.75 1.43
CA CYS A 3 -3.51 5.58 1.17
C CYS A 3 -4.42 4.39 1.43
N SER A 4 -4.04 3.27 1.15
CA SER A 4 -4.86 2.04 1.37
C SER A 4 -3.98 0.81 1.62
N CYS A 5 -4.35 0.06 2.62
CA CYS A 5 -3.58 -1.17 2.97
C CYS A 5 -3.96 -2.31 2.02
N LYS A 6 -3.18 -2.48 1.04
CA LYS A 6 -3.39 -3.54 0.02
C LYS A 6 -2.18 -4.47 0.00
N LYS A 7 -2.44 -5.74 -0.13
CA LYS A 7 -1.36 -6.76 -0.16
C LYS A 7 -0.40 -6.48 -1.33
N TYR A 8 -0.93 -5.82 -2.31
CA TYR A 8 -0.17 -5.46 -3.53
C TYR A 8 -0.68 -4.10 -4.01
N CYS A 9 -0.06 -3.48 -4.86
CA CYS A 9 -0.46 -2.16 -5.39
C CYS A 9 -1.15 -2.27 -6.76
N ASP A 10 -1.60 -1.16 -7.21
CA ASP A 10 -2.29 -1.05 -8.52
C ASP A 10 -1.29 -0.52 -9.54
N PRO A 11 -1.59 -0.61 -10.81
CA PRO A 11 -0.81 0.07 -11.87
C PRO A 11 -0.71 1.58 -11.62
N TRP A 12 -1.67 2.11 -10.94
CA TRP A 12 -1.71 3.56 -10.62
C TRP A 12 -1.32 3.83 -9.16
N GLU A 13 -0.85 2.86 -8.48
CA GLU A 13 -0.45 3.00 -7.06
C GLU A 13 0.96 2.43 -6.80
N VAL A 14 1.57 2.88 -5.74
CA VAL A 14 2.93 2.42 -5.36
C VAL A 14 3.04 2.30 -3.83
N ILE A 15 3.82 1.36 -3.39
CA ILE A 15 4.02 1.13 -1.92
C ILE A 15 4.50 2.39 -1.19
N ASP A 16 4.13 2.48 0.05
CA ASP A 16 4.52 3.64 0.89
C ASP A 16 4.78 3.18 2.33
N GLY A 17 4.21 2.12 2.72
CA GLY A 17 4.39 1.58 4.10
C GLY A 17 4.06 0.10 4.17
N SER A 18 3.89 -0.37 5.38
CA SER A 18 3.55 -1.80 5.63
C SER A 18 2.35 -1.90 6.57
N CYS A 19 1.49 -2.79 6.31
CA CYS A 19 0.26 -3.01 7.13
C CYS A 19 -0.01 -4.50 7.31
N GLY A 20 -1.15 -4.80 7.86
CA GLY A 20 -1.55 -6.23 8.10
C GLY A 20 -0.93 -6.74 9.39
N LEU A 21 -0.53 -7.96 9.37
CA LEU A 21 0.10 -8.59 10.54
C LEU A 21 1.61 -8.37 10.50
N PHE A 22 2.35 -9.34 10.08
CA PHE A 22 3.83 -9.21 9.99
C PHE A 22 4.18 -8.55 8.66
N ASN A 23 3.78 -7.34 8.52
CA ASN A 23 4.03 -6.51 7.28
C ASN A 23 3.64 -7.28 6.02
N SER A 24 2.77 -8.22 6.19
CA SER A 24 2.29 -9.07 5.07
C SER A 24 1.63 -8.18 4.01
N LYS A 25 0.83 -7.28 4.49
CA LYS A 25 0.12 -6.34 3.58
C LYS A 25 0.97 -5.07 3.50
N TYR A 26 0.66 -4.22 2.55
CA TYR A 26 1.43 -2.95 2.38
C TYR A 26 0.52 -1.74 2.26
N ILE A 27 0.99 -0.64 2.78
CA ILE A 27 0.20 0.63 2.73
C ILE A 27 0.63 1.27 1.42
N CYS A 28 -0.13 0.95 0.42
CA CYS A 28 0.17 1.49 -0.94
C CYS A 28 -0.61 2.79 -1.15
N CYS A 29 0.11 3.83 -1.44
CA CYS A 29 -0.51 5.17 -1.67
C CYS A 29 -0.31 5.56 -3.13
N ARG A 30 -1.12 6.44 -3.60
CA ARG A 30 -1.02 6.92 -5.00
C ARG A 30 0.13 7.81 -5.19
N GLU A 31 0.93 7.63 -5.59
CA GLU A 31 2.11 8.42 -5.81
C GLU A 31 2.34 8.92 -6.49
N LYS A 32 2.22 9.43 -6.67
CA LYS A 32 2.41 9.95 -7.34
C LYS A 32 2.59 10.30 -7.43
#